data_1SFS
#
_entry.id   1SFS
#
_cell.length_a   41.319
_cell.length_b   70.090
_cell.length_c   74.157
_cell.angle_alpha   90.00
_cell.angle_beta   90.00
_cell.angle_gamma   90.00
#
_symmetry.space_group_name_H-M   'P 21 21 21'
#
loop_
_entity.id
_entity.type
_entity.pdbx_description
1 polymer 'Hypothetical protein'
2 non-polymer 'PHOSPHATE ION'
3 water water
#
_entity_poly.entity_id   1
_entity_poly.type   'polypeptide(L)'
_entity_poly.pdbx_seq_one_letter_code
;MHHHHHHSSGVDLGTENLYFQSNAMARGIWGVDSAQVVTDQLFQCVRTELGYPKFWGRYLSEVPNVSEGLTRDEIVRIRN
YGVKVLPIYNAFREAVGYANGQVAARNAVFHARRLGIPKNKLLFANIEDFFAVDAAWIAAWVETLYPTGYRPGLYADPTK
GDFAAAYCEAVSRNNQVAVQAVIWSAAPRPGTTKEQKAPRYQPAAPPCSANVWVWQYGRDAEVCPVDTNLADRRLLDFLY
;
_entity_poly.pdbx_strand_id   A
#
loop_
_chem_comp.id
_chem_comp.type
_chem_comp.name
_chem_comp.formula
PO4 non-polymer 'PHOSPHATE ION' 'O4 P -3'
#
# COMPACT_ATOMS: atom_id res chain seq x y z
N GLY A 28 -11.33 1.21 -13.03
CA GLY A 28 -10.19 1.51 -12.09
C GLY A 28 -9.80 2.97 -12.13
N ILE A 29 -9.48 3.57 -11.02
CA ILE A 29 -8.89 4.92 -10.79
C ILE A 29 -7.41 4.72 -10.90
N TRP A 30 -6.68 5.60 -11.53
CA TRP A 30 -5.25 5.43 -11.80
C TRP A 30 -4.40 6.23 -10.84
N GLY A 31 -3.28 5.65 -10.46
CA GLY A 31 -2.32 6.34 -9.60
C GLY A 31 -0.96 5.73 -9.71
N VAL A 32 -0.06 6.22 -8.84
CA VAL A 32 1.33 5.82 -8.91
C VAL A 32 1.87 5.59 -7.50
N ASP A 33 3.10 5.15 -7.39
CA ASP A 33 3.80 5.12 -6.11
C ASP A 33 5.29 5.36 -6.40
N SER A 34 6.00 5.83 -5.39
CA SER A 34 7.42 6.05 -5.54
C SER A 34 8.16 5.93 -4.22
N ALA A 35 9.40 5.43 -4.32
CA ALA A 35 10.31 5.43 -3.21
C ALA A 35 10.72 6.83 -2.77
N GLN A 36 10.85 7.73 -3.74
CA GLN A 36 11.33 9.09 -3.46
C GLN A 36 10.17 10.04 -3.23
N VAL A 37 10.52 11.17 -2.58
CA VAL A 37 9.62 12.26 -2.29
C VAL A 37 8.96 12.81 -3.56
N VAL A 38 7.69 13.15 -3.41
CA VAL A 38 6.98 13.85 -4.48
C VAL A 38 7.35 15.31 -4.41
N THR A 39 8.28 15.74 -5.18
CA THR A 39 8.56 17.15 -5.44
C THR A 39 7.65 17.61 -6.53
N ASP A 40 7.57 18.93 -6.72
CA ASP A 40 6.81 19.43 -7.86
C ASP A 40 7.35 18.90 -9.16
N GLN A 41 8.68 18.78 -9.33
N GLN A 41 8.69 18.81 -9.23
CA GLN A 41 9.16 18.22 -10.60
CA GLN A 41 9.34 18.26 -10.44
C GLN A 41 8.74 16.78 -10.80
C GLN A 41 8.88 16.84 -10.74
N LEU A 42 8.81 15.97 -9.75
CA LEU A 42 8.39 14.60 -9.98
C LEU A 42 6.90 14.56 -10.31
N PHE A 43 6.08 15.34 -9.62
CA PHE A 43 4.64 15.39 -9.97
C PHE A 43 4.48 15.81 -11.37
N GLN A 44 5.13 16.86 -11.79
CA GLN A 44 4.95 17.33 -13.18
C GLN A 44 5.45 16.31 -14.17
N CYS A 45 6.50 15.58 -13.88
CA CYS A 45 6.95 14.49 -14.76
C CYS A 45 5.81 13.53 -14.98
N VAL A 46 5.24 13.07 -13.89
CA VAL A 46 4.14 12.10 -14.01
C VAL A 46 2.95 12.68 -14.78
N ARG A 47 2.52 13.88 -14.36
CA ARG A 47 1.33 14.54 -14.87
C ARG A 47 1.47 14.64 -16.37
N THR A 48 2.59 15.04 -16.91
CA THR A 48 2.76 15.34 -18.31
C THR A 48 3.22 14.12 -19.11
N GLU A 49 3.88 13.16 -18.49
N GLU A 49 3.96 13.18 -18.52
CA GLU A 49 4.37 12.04 -19.32
CA GLU A 49 4.49 12.02 -19.21
C GLU A 49 3.53 10.78 -19.15
C GLU A 49 3.64 10.74 -19.07
N LEU A 50 2.82 10.64 -18.04
CA LEU A 50 2.04 9.41 -17.80
C LEU A 50 0.58 9.71 -17.64
N GLY A 51 0.20 10.66 -16.83
CA GLY A 51 -1.16 10.92 -16.58
C GLY A 51 -1.36 11.59 -15.23
N TYR A 52 -2.61 11.86 -14.88
CA TYR A 52 -2.89 12.58 -13.65
C TYR A 52 -3.19 11.58 -12.54
N PRO A 53 -2.29 11.42 -11.57
CA PRO A 53 -2.53 10.37 -10.56
C PRO A 53 -3.61 10.82 -9.62
N LYS A 54 -4.51 9.92 -9.23
CA LYS A 54 -5.52 10.23 -8.23
C LYS A 54 -5.01 9.90 -6.82
N PHE A 55 -3.98 9.09 -6.73
CA PHE A 55 -3.38 8.70 -5.49
C PHE A 55 -1.90 8.44 -5.75
N TRP A 56 -1.12 8.53 -4.67
CA TRP A 56 0.34 8.40 -4.78
C TRP A 56 0.81 7.63 -3.57
N GLY A 57 1.33 6.42 -3.77
CA GLY A 57 1.87 5.60 -2.70
C GLY A 57 3.23 6.14 -2.26
N ARG A 58 3.35 6.31 -0.96
CA ARG A 58 4.54 6.87 -0.35
C ARG A 58 4.79 6.23 0.99
N TYR A 59 6.04 6.28 1.43
CA TYR A 59 6.50 5.55 2.61
C TYR A 59 6.46 6.38 3.85
N LEU A 60 6.02 5.78 4.95
CA LEU A 60 5.89 6.42 6.25
C LEU A 60 7.22 6.74 6.90
N SER A 61 8.26 6.01 6.58
CA SER A 61 9.57 6.23 7.22
C SER A 61 10.67 5.93 6.22
N GLU A 62 11.84 6.44 6.58
CA GLU A 62 13.07 6.35 5.81
C GLU A 62 13.69 4.97 5.97
N VAL A 63 14.02 4.28 4.89
CA VAL A 63 14.77 3.05 4.93
C VAL A 63 15.96 3.26 4.04
N PRO A 64 17.19 3.31 4.51
CA PRO A 64 18.35 3.56 3.67
C PRO A 64 18.42 2.59 2.47
N ASN A 65 18.74 3.15 1.32
CA ASN A 65 18.87 2.42 0.08
C ASN A 65 17.55 1.89 -0.43
N VAL A 66 16.45 2.39 0.14
CA VAL A 66 15.16 1.75 -0.18
C VAL A 66 14.03 2.77 -0.30
N SER A 67 13.80 3.62 0.67
CA SER A 67 12.67 4.54 0.59
C SER A 67 13.00 5.83 1.32
N GLU A 68 12.45 6.90 0.82
CA GLU A 68 12.46 8.21 1.46
C GLU A 68 11.16 8.37 2.20
N GLY A 69 11.22 8.78 3.46
CA GLY A 69 10.02 8.96 4.22
C GLY A 69 9.23 10.20 3.86
N LEU A 70 7.95 10.16 4.14
CA LEU A 70 7.06 11.27 4.06
C LEU A 70 7.40 12.37 5.05
N THR A 71 7.04 13.58 4.73
CA THR A 71 7.06 14.71 5.65
C THR A 71 5.71 15.40 5.57
N ARG A 72 5.42 16.23 6.56
CA ARG A 72 4.23 17.05 6.49
C ARG A 72 4.26 17.95 5.29
N ASP A 73 5.38 18.59 4.96
N ASP A 73 5.41 18.55 4.99
CA ASP A 73 5.48 19.49 3.81
CA ASP A 73 5.48 19.46 3.85
C ASP A 73 5.15 18.75 2.49
C ASP A 73 5.14 18.74 2.54
N GLU A 74 5.66 17.51 2.38
CA GLU A 74 5.34 16.74 1.20
C GLU A 74 3.84 16.41 1.15
N ILE A 75 3.23 16.04 2.25
CA ILE A 75 1.80 15.76 2.22
C ILE A 75 1.01 16.97 1.77
N VAL A 76 1.36 18.16 2.29
CA VAL A 76 0.70 19.37 1.88
C VAL A 76 0.80 19.52 0.37
N ARG A 77 1.98 19.31 -0.19
N ARG A 77 2.00 19.28 -0.15
CA ARG A 77 2.06 19.48 -1.64
CA ARG A 77 2.41 19.33 -1.54
C ARG A 77 1.22 18.46 -2.40
C ARG A 77 1.58 18.39 -2.42
N ILE A 78 1.30 17.16 -1.99
CA ILE A 78 0.53 16.17 -2.71
C ILE A 78 -0.95 16.55 -2.70
N ARG A 79 -1.46 16.92 -1.53
CA ARG A 79 -2.86 17.28 -1.43
C ARG A 79 -3.16 18.52 -2.22
N ASN A 80 -2.21 19.44 -2.40
CA ASN A 80 -2.41 20.64 -3.21
C ASN A 80 -2.72 20.30 -4.63
N TYR A 81 -2.28 19.14 -5.14
CA TYR A 81 -2.60 18.69 -6.48
C TYR A 81 -3.91 17.93 -6.58
N GLY A 82 -4.62 17.80 -5.44
CA GLY A 82 -5.84 16.99 -5.48
C GLY A 82 -5.57 15.49 -5.54
N VAL A 83 -4.37 15.09 -5.08
CA VAL A 83 -3.94 13.70 -5.08
C VAL A 83 -4.02 13.19 -3.64
N LYS A 84 -4.47 11.95 -3.49
N LYS A 84 -4.47 11.95 -3.47
CA LYS A 84 -4.54 11.27 -2.20
CA LYS A 84 -4.50 11.43 -2.10
C LYS A 84 -3.21 10.58 -1.87
C LYS A 84 -3.26 10.58 -1.85
N VAL A 85 -2.76 10.67 -0.63
CA VAL A 85 -1.59 9.95 -0.18
C VAL A 85 -1.99 8.51 0.18
N LEU A 86 -1.27 7.58 -0.42
N LEU A 86 -1.26 7.52 -0.30
CA LEU A 86 -1.45 6.18 -0.04
CA LEU A 86 -1.47 6.09 -0.04
C LEU A 86 -0.24 5.86 0.89
C LEU A 86 -0.29 5.61 0.83
N PRO A 87 -0.42 5.61 2.18
CA PRO A 87 0.75 5.41 3.03
C PRO A 87 1.18 3.99 3.19
N ILE A 88 2.48 3.74 3.16
CA ILE A 88 3.07 2.43 3.20
C ILE A 88 4.09 2.36 4.32
N TYR A 89 4.01 1.31 5.14
N TYR A 89 4.01 1.33 5.15
CA TYR A 89 5.03 1.01 6.13
CA TYR A 89 5.00 1.05 6.19
C TYR A 89 5.92 -0.11 5.59
C TYR A 89 5.91 -0.08 5.73
N ASN A 90 7.23 0.15 5.61
CA ASN A 90 8.16 -0.81 5.05
C ASN A 90 9.41 -1.00 5.87
N ALA A 91 9.34 -0.64 7.14
N ALA A 91 9.41 -0.65 7.16
CA ALA A 91 10.55 -0.72 7.99
CA ALA A 91 10.66 -0.79 7.92
C ALA A 91 10.59 -2.04 8.75
C ALA A 91 10.99 -2.23 8.25
N PHE A 92 10.44 -3.09 7.96
N PHE A 92 10.07 -3.17 8.30
CA PHE A 92 10.48 -4.44 8.49
CA PHE A 92 10.40 -4.56 8.61
C PHE A 92 10.87 -5.34 7.31
C PHE A 92 10.91 -5.32 7.40
N ARG A 93 11.54 -6.43 7.62
N ARG A 93 11.57 -6.47 7.61
CA ARG A 93 12.27 -7.36 6.80
CA ARG A 93 12.05 -7.31 6.50
C ARG A 93 11.71 -8.77 6.73
C ARG A 93 11.52 -8.73 6.51
N GLU A 94 10.74 -9.04 7.57
N GLU A 94 10.71 -9.06 7.49
CA GLU A 94 10.09 -10.31 7.83
CA GLU A 94 10.01 -10.33 7.61
C GLU A 94 8.70 -10.07 8.34
C GLU A 94 8.69 -10.04 8.30
N ALA A 95 7.73 -10.94 8.05
CA ALA A 95 6.37 -10.76 8.51
C ALA A 95 5.88 -12.04 9.24
N VAL A 96 6.64 -12.45 10.24
N VAL A 96 6.64 -12.50 10.22
CA VAL A 96 6.40 -13.61 11.07
CA VAL A 96 6.29 -13.66 11.02
C VAL A 96 6.24 -13.18 12.52
C VAL A 96 6.29 -13.29 12.51
N GLY A 97 5.24 -13.76 13.18
CA GLY A 97 5.06 -13.63 14.59
C GLY A 97 4.10 -12.54 15.03
N TYR A 98 3.22 -12.85 16.01
CA TYR A 98 2.24 -11.88 16.49
C TYR A 98 2.94 -10.67 17.09
N ALA A 99 3.91 -10.88 17.96
CA ALA A 99 4.58 -9.75 18.61
C ALA A 99 5.24 -8.83 17.61
N ASN A 100 5.85 -9.42 16.58
CA ASN A 100 6.48 -8.64 15.54
C ASN A 100 5.43 -7.82 14.74
N GLY A 101 4.29 -8.41 14.46
CA GLY A 101 3.25 -7.67 13.79
C GLY A 101 2.71 -6.55 14.63
N GLN A 102 2.61 -6.69 15.96
N GLN A 102 2.70 -6.78 15.93
CA GLN A 102 2.18 -5.63 16.87
CA GLN A 102 2.23 -5.73 16.83
C GLN A 102 3.20 -4.50 16.78
C GLN A 102 3.19 -4.56 16.86
N VAL A 103 4.49 -4.82 16.89
CA VAL A 103 5.51 -3.76 16.81
C VAL A 103 5.38 -2.99 15.49
N ALA A 104 5.21 -3.68 14.37
CA ALA A 104 5.10 -3.02 13.10
C ALA A 104 3.88 -2.09 13.08
N ALA A 105 2.74 -2.59 13.53
CA ALA A 105 1.54 -1.76 13.54
C ALA A 105 1.74 -0.54 14.41
N ARG A 106 2.30 -0.75 15.61
CA ARG A 106 2.50 0.40 16.51
C ARG A 106 3.46 1.41 15.88
N ASN A 107 4.51 0.96 15.21
CA ASN A 107 5.41 1.89 14.58
C ASN A 107 4.72 2.61 13.41
N ALA A 108 3.92 1.92 12.64
CA ALA A 108 3.22 2.57 11.52
C ALA A 108 2.32 3.66 12.04
N VAL A 109 1.55 3.41 13.10
CA VAL A 109 0.64 4.37 13.66
C VAL A 109 1.42 5.57 14.21
N PHE A 110 2.54 5.29 14.89
CA PHE A 110 3.39 6.38 15.40
C PHE A 110 3.80 7.33 14.31
N HIS A 111 4.26 6.79 13.19
CA HIS A 111 4.66 7.62 12.08
C HIS A 111 3.44 8.34 11.48
N ALA A 112 2.33 7.65 11.32
CA ALA A 112 1.15 8.27 10.72
C ALA A 112 0.68 9.47 11.58
N ARG A 113 0.70 9.28 12.90
N ARG A 113 0.71 9.30 12.89
CA ARG A 113 0.28 10.32 13.84
CA ARG A 113 0.26 10.42 13.76
C ARG A 113 1.27 11.48 13.83
C ARG A 113 1.19 11.61 13.65
N ARG A 114 2.56 11.21 13.68
N ARG A 114 2.49 11.37 13.66
CA ARG A 114 3.60 12.25 13.59
CA ARG A 114 3.48 12.44 13.56
C ARG A 114 3.38 13.08 12.33
C ARG A 114 3.30 13.23 12.27
N LEU A 115 2.91 12.47 11.23
CA LEU A 115 2.67 13.12 9.96
C LEU A 115 1.32 13.78 9.87
N GLY A 116 0.44 13.63 10.85
CA GLY A 116 -0.85 14.25 10.80
C GLY A 116 -1.85 13.53 9.90
N ILE A 117 -1.66 12.24 9.64
CA ILE A 117 -2.64 11.49 8.85
C ILE A 117 -3.85 11.25 9.73
N PRO A 118 -5.05 11.63 9.34
CA PRO A 118 -6.22 11.47 10.20
C PRO A 118 -6.63 10.00 10.40
N LYS A 119 -7.48 9.80 11.40
CA LYS A 119 -8.08 8.47 11.63
C LYS A 119 -8.99 8.04 10.48
N ASN A 120 -9.35 6.77 10.51
N ASN A 120 -9.32 6.75 10.46
CA ASN A 120 -10.11 5.98 9.57
CA ASN A 120 -10.18 6.26 9.40
C ASN A 120 -9.51 6.08 8.16
C ASN A 120 -9.50 6.31 8.04
N LYS A 121 -8.21 6.08 8.11
CA LYS A 121 -7.37 6.01 6.90
C LYS A 121 -6.56 4.74 6.92
N LEU A 122 -6.32 4.18 5.74
CA LEU A 122 -5.50 2.99 5.58
C LEU A 122 -4.01 3.24 5.76
N LEU A 123 -3.34 2.29 6.38
CA LEU A 123 -1.88 2.18 6.42
C LEU A 123 -1.51 0.82 5.84
N PHE A 124 -0.71 0.77 4.80
CA PHE A 124 -0.37 -0.50 4.12
C PHE A 124 0.94 -1.04 4.58
N ALA A 125 0.96 -2.30 5.00
CA ALA A 125 2.19 -3.03 5.28
C ALA A 125 2.80 -3.54 4.01
N ASN A 126 4.10 -3.33 3.82
N ASN A 126 4.06 -3.21 3.71
CA ASN A 126 4.83 -3.77 2.65
CA ASN A 126 4.70 -3.80 2.53
C ASN A 126 5.36 -5.19 2.75
C ASN A 126 5.22 -5.17 2.91
N ILE A 127 4.61 -6.17 2.29
CA ILE A 127 5.01 -7.59 2.43
C ILE A 127 5.54 -8.03 1.10
N GLU A 128 6.86 -7.96 0.92
N GLU A 128 6.85 -7.96 0.92
CA GLU A 128 7.51 -8.40 -0.33
CA GLU A 128 7.40 -8.35 -0.41
C GLU A 128 7.28 -9.89 -0.56
C GLU A 128 7.33 -9.86 -0.58
N ASP A 129 7.34 -10.33 -1.83
CA ASP A 129 7.06 -11.72 -2.13
C ASP A 129 8.09 -12.69 -1.59
N PHE A 130 9.29 -12.30 -1.21
N PHE A 130 9.25 -12.28 -1.18
CA PHE A 130 10.22 -13.30 -0.67
CA PHE A 130 10.30 -13.16 -0.71
C PHE A 130 10.16 -13.31 0.84
C PHE A 130 10.33 -13.13 0.81
N PHE A 131 9.47 -12.35 1.46
CA PHE A 131 9.44 -12.38 2.92
C PHE A 131 8.83 -13.65 3.44
N ALA A 132 9.31 -14.12 4.59
CA ALA A 132 8.52 -15.10 5.36
C ALA A 132 7.29 -14.36 5.88
N VAL A 133 6.14 -15.03 5.84
CA VAL A 133 4.89 -14.44 6.30
C VAL A 133 4.10 -15.52 7.04
N ASP A 134 3.52 -15.17 8.17
CA ASP A 134 2.62 -16.12 8.80
C ASP A 134 1.33 -15.47 9.24
N ALA A 135 0.35 -16.28 9.52
CA ALA A 135 -0.97 -15.81 9.88
C ALA A 135 -0.96 -15.00 11.15
N ALA A 136 -0.12 -15.30 12.10
CA ALA A 136 -0.09 -14.55 13.36
C ALA A 136 0.33 -13.11 13.14
N TRP A 137 1.29 -12.87 12.25
CA TRP A 137 1.71 -11.50 11.99
C TRP A 137 0.57 -10.69 11.40
N ILE A 138 -0.12 -11.28 10.41
CA ILE A 138 -1.26 -10.61 9.78
C ILE A 138 -2.33 -10.31 10.81
N ALA A 139 -2.66 -11.27 11.67
CA ALA A 139 -3.60 -11.03 12.74
C ALA A 139 -3.19 -9.85 13.60
N ALA A 140 -1.92 -9.81 14.00
CA ALA A 140 -1.46 -8.71 14.85
C ALA A 140 -1.56 -7.38 14.14
N TRP A 141 -1.20 -7.33 12.88
CA TRP A 141 -1.32 -6.07 12.11
C TRP A 141 -2.72 -5.55 12.17
N VAL A 142 -3.67 -6.44 11.83
CA VAL A 142 -5.08 -6.06 11.82
C VAL A 142 -5.57 -5.69 13.20
N GLU A 143 -5.35 -6.52 14.22
N GLU A 143 -5.29 -6.54 14.16
CA GLU A 143 -5.95 -6.32 15.55
CA GLU A 143 -5.86 -6.39 15.49
C GLU A 143 -5.32 -5.13 16.23
C GLU A 143 -5.31 -5.18 16.20
N THR A 144 -4.03 -4.88 16.04
CA THR A 144 -3.39 -3.79 16.70
C THR A 144 -3.85 -2.46 16.15
N LEU A 145 -4.13 -2.43 14.84
N LEU A 145 -4.15 -2.37 14.85
CA LEU A 145 -4.59 -1.19 14.22
CA LEU A 145 -4.58 -1.08 14.33
C LEU A 145 -5.99 -0.81 14.70
C LEU A 145 -6.03 -0.77 14.64
N TYR A 146 -6.88 -1.76 14.92
CA TYR A 146 -8.32 -1.42 15.12
C TYR A 146 -8.54 -0.31 16.14
N PRO A 147 -7.97 -0.41 17.34
N PRO A 147 -8.05 -0.39 17.36
CA PRO A 147 -8.24 0.62 18.39
CA PRO A 147 -8.39 0.69 18.34
C PRO A 147 -7.81 2.01 18.00
C PRO A 147 -7.67 2.00 18.16
N THR A 148 -6.76 2.07 17.18
CA THR A 148 -6.17 3.33 16.79
C THR A 148 -6.97 4.18 15.84
N GLY A 149 -7.94 3.53 15.21
CA GLY A 149 -8.68 4.23 14.17
C GLY A 149 -8.09 4.11 12.77
N TYR A 150 -6.85 3.64 12.62
CA TYR A 150 -6.31 3.40 11.29
C TYR A 150 -6.78 2.04 10.81
N ARG A 151 -6.96 1.90 9.50
CA ARG A 151 -7.43 0.68 8.89
C ARG A 151 -6.26 -0.11 8.32
N PRO A 152 -6.24 -1.42 8.47
CA PRO A 152 -5.10 -2.21 7.98
C PRO A 152 -5.13 -2.43 6.48
N GLY A 153 -4.03 -2.07 5.85
CA GLY A 153 -3.77 -2.43 4.46
C GLY A 153 -2.64 -3.43 4.37
N LEU A 154 -2.67 -4.26 3.34
CA LEU A 154 -1.63 -5.25 3.08
C LEU A 154 -1.22 -5.12 1.63
N TYR A 155 0.02 -4.73 1.34
N TYR A 155 0.04 -4.81 1.41
CA TYR A 155 0.61 -4.75 0.00
CA TYR A 155 0.60 -4.67 0.04
C TYR A 155 1.36 -6.06 -0.08
C TYR A 155 1.42 -5.90 -0.22
N ALA A 156 0.97 -6.84 -1.08
CA ALA A 156 1.52 -8.19 -1.16
C ALA A 156 1.24 -8.78 -2.53
N ASP A 157 1.94 -9.87 -2.79
CA ASP A 157 1.75 -10.66 -4.00
C ASP A 157 1.00 -11.93 -3.63
N PRO A 158 -0.27 -12.00 -3.99
N PRO A 158 -0.24 -12.13 -4.03
CA PRO A 158 -1.05 -13.19 -3.73
CA PRO A 158 -0.94 -13.36 -3.62
C PRO A 158 -0.68 -14.41 -4.58
C PRO A 158 -0.63 -14.55 -4.52
N THR A 159 0.29 -14.38 -5.45
CA THR A 159 0.67 -15.46 -6.34
C THR A 159 2.05 -15.98 -6.09
N LYS A 160 2.78 -15.37 -5.19
N LYS A 160 2.86 -15.43 -5.23
CA LYS A 160 4.16 -15.73 -4.94
CA LYS A 160 4.23 -15.88 -5.04
C LYS A 160 4.40 -15.68 -3.45
C LYS A 160 4.55 -15.68 -3.56
N GLY A 161 5.11 -16.66 -2.94
CA GLY A 161 5.49 -16.61 -1.54
C GLY A 161 4.33 -16.89 -0.63
N ASP A 162 4.58 -16.71 0.64
CA ASP A 162 3.75 -17.14 1.74
C ASP A 162 2.48 -16.32 1.96
N PHE A 163 2.35 -15.16 1.37
CA PHE A 163 1.26 -14.27 1.78
C PHE A 163 -0.12 -14.90 1.66
N ALA A 164 -0.45 -15.46 0.51
CA ALA A 164 -1.86 -15.84 0.30
C ALA A 164 -2.31 -16.90 1.34
N ALA A 165 -1.50 -17.89 1.59
CA ALA A 165 -1.89 -18.91 2.56
C ALA A 165 -1.99 -18.32 3.95
N ALA A 166 -1.04 -17.45 4.33
CA ALA A 166 -1.06 -16.82 5.63
C ALA A 166 -2.31 -15.99 5.83
N TYR A 167 -2.66 -15.20 4.79
CA TYR A 167 -3.83 -14.39 4.82
C TYR A 167 -5.08 -15.22 4.97
N CYS A 168 -5.20 -16.29 4.15
CA CYS A 168 -6.43 -17.10 4.20
C CYS A 168 -6.53 -17.83 5.55
N GLU A 169 -5.41 -18.27 6.15
CA GLU A 169 -5.48 -18.85 7.48
C GLU A 169 -5.92 -17.80 8.46
N ALA A 170 -5.38 -16.58 8.38
CA ALA A 170 -5.80 -15.53 9.31
C ALA A 170 -7.27 -15.25 9.21
N VAL A 171 -7.83 -15.20 8.01
CA VAL A 171 -9.26 -14.99 7.80
C VAL A 171 -10.08 -16.12 8.39
N SER A 172 -9.66 -17.34 8.21
N SER A 172 -9.64 -17.36 8.24
N SER A 172 -9.63 -17.34 8.22
CA SER A 172 -10.40 -18.47 8.80
CA SER A 172 -10.37 -18.51 8.77
CA SER A 172 -10.26 -18.54 8.76
C SER A 172 -10.41 -18.32 10.31
C SER A 172 -10.31 -18.55 10.30
C SER A 172 -10.35 -18.45 10.28
N ARG A 173 -9.30 -17.96 10.91
CA ARG A 173 -9.21 -17.85 12.35
C ARG A 173 -10.00 -16.66 12.91
N ASN A 174 -10.16 -15.62 12.12
CA ASN A 174 -10.87 -14.41 12.53
C ASN A 174 -11.41 -13.72 11.30
N ASN A 175 -12.70 -13.81 11.05
N ASN A 175 -12.69 -13.80 10.98
CA ASN A 175 -13.23 -13.24 9.85
CA ASN A 175 -13.30 -13.19 9.82
C ASN A 175 -13.02 -11.74 9.76
C ASN A 175 -13.02 -11.71 9.74
N GLN A 176 -12.80 -11.03 10.88
CA GLN A 176 -12.51 -9.60 10.80
C GLN A 176 -11.28 -9.28 9.99
N VAL A 177 -10.36 -10.21 9.78
CA VAL A 177 -9.22 -9.93 8.89
C VAL A 177 -9.76 -9.58 7.51
N ALA A 178 -10.74 -10.35 7.01
CA ALA A 178 -11.31 -10.10 5.70
C ALA A 178 -12.18 -8.87 5.70
N VAL A 179 -12.88 -8.55 6.80
CA VAL A 179 -13.71 -7.38 6.86
C VAL A 179 -12.86 -6.12 6.85
N GLN A 180 -11.85 -6.09 7.70
CA GLN A 180 -11.08 -4.87 7.94
C GLN A 180 -9.97 -4.67 6.95
N ALA A 181 -9.22 -5.70 6.58
CA ALA A 181 -8.05 -5.51 5.74
C ALA A 181 -8.42 -5.16 4.32
N VAL A 182 -7.59 -4.32 3.71
CA VAL A 182 -7.63 -4.00 2.29
C VAL A 182 -6.32 -4.43 1.67
N ILE A 183 -6.39 -5.16 0.56
CA ILE A 183 -5.21 -5.63 -0.13
C ILE A 183 -4.90 -4.75 -1.35
N TRP A 184 -3.62 -4.43 -1.44
CA TRP A 184 -2.98 -3.85 -2.61
C TRP A 184 -2.16 -4.98 -3.22
N SER A 185 -2.63 -5.52 -4.35
CA SER A 185 -2.01 -6.67 -4.96
C SER A 185 -0.93 -6.27 -5.94
N ALA A 186 0.22 -6.94 -5.85
CA ALA A 186 1.35 -6.76 -6.73
C ALA A 186 1.41 -7.74 -7.88
N ALA A 187 0.29 -8.34 -8.26
CA ALA A 187 0.26 -9.29 -9.38
C ALA A 187 -1.10 -9.24 -10.04
N PRO A 188 -1.19 -9.59 -11.32
CA PRO A 188 -0.05 -9.76 -12.23
C PRO A 188 0.53 -8.40 -12.56
N ARG A 189 1.63 -8.40 -13.31
CA ARG A 189 2.38 -7.21 -13.58
C ARG A 189 2.67 -7.07 -15.05
N PRO A 190 1.66 -6.72 -15.86
CA PRO A 190 1.86 -6.62 -17.32
C PRO A 190 2.81 -5.51 -17.70
N GLY A 191 3.02 -4.50 -16.87
CA GLY A 191 3.99 -3.45 -17.15
C GLY A 191 3.39 -2.07 -17.05
N THR A 192 4.20 -1.08 -16.81
CA THR A 192 3.76 0.28 -16.69
C THR A 192 3.15 0.78 -18.01
N THR A 193 2.18 1.68 -17.90
CA THR A 193 1.59 2.38 -19.02
C THR A 193 1.25 3.79 -18.60
N LYS A 194 0.98 4.60 -19.61
CA LYS A 194 0.27 5.87 -19.42
C LYS A 194 -1.11 5.56 -18.88
N GLU A 195 -1.65 6.53 -18.18
CA GLU A 195 -3.01 6.42 -17.63
C GLU A 195 -4.05 6.01 -18.68
N GLN A 196 -3.99 6.63 -19.84
N GLN A 196 -4.00 6.61 -19.83
CA GLN A 196 -4.88 6.50 -21.00
CA GLN A 196 -5.08 6.34 -20.80
C GLN A 196 -4.78 5.12 -21.65
C GLN A 196 -4.92 4.98 -21.46
N LYS A 197 -3.79 4.35 -21.26
N LYS A 197 -3.78 4.34 -21.34
CA LYS A 197 -3.47 3.04 -21.81
CA LYS A 197 -3.60 2.99 -21.86
C LYS A 197 -3.53 1.93 -20.76
C LYS A 197 -3.55 1.93 -20.77
N ALA A 198 -3.97 2.28 -19.56
CA ALA A 198 -3.97 1.29 -18.47
C ALA A 198 -4.89 0.12 -18.80
N PRO A 199 -4.59 -1.09 -18.32
CA PRO A 199 -5.45 -2.24 -18.57
C PRO A 199 -6.70 -2.19 -17.72
N ARG A 200 -7.66 -3.03 -18.07
N ARG A 200 -7.67 -3.02 -18.07
CA ARG A 200 -8.80 -3.27 -17.23
CA ARG A 200 -8.85 -3.21 -17.25
C ARG A 200 -8.34 -3.71 -15.84
C ARG A 200 -8.46 -3.75 -15.88
N TYR A 201 -9.07 -3.25 -14.82
CA TYR A 201 -8.75 -3.64 -13.46
C TYR A 201 -8.94 -5.14 -13.25
N GLN A 202 -7.86 -5.85 -12.95
N GLN A 202 -7.88 -5.86 -12.95
CA GLN A 202 -7.87 -7.31 -12.81
CA GLN A 202 -8.06 -7.29 -12.64
C GLN A 202 -6.75 -7.81 -11.90
C GLN A 202 -6.80 -7.77 -11.91
N PRO A 203 -6.65 -7.32 -10.67
CA PRO A 203 -5.58 -7.85 -9.79
C PRO A 203 -5.80 -9.32 -9.47
N ALA A 204 -4.68 -10.01 -9.24
CA ALA A 204 -4.73 -11.34 -8.57
C ALA A 204 -5.20 -11.15 -7.12
N ALA A 205 -5.92 -12.12 -6.63
CA ALA A 205 -6.45 -12.10 -5.28
C ALA A 205 -6.08 -13.39 -4.56
N PRO A 206 -6.03 -13.37 -3.24
CA PRO A 206 -5.91 -14.65 -2.51
C PRO A 206 -7.15 -15.46 -2.69
N PRO A 207 -7.09 -16.77 -2.42
CA PRO A 207 -8.24 -17.66 -2.68
C PRO A 207 -9.24 -17.67 -1.56
N CYS A 208 -9.51 -16.59 -0.93
CA CYS A 208 -10.52 -16.44 0.12
C CYS A 208 -11.02 -15.00 0.11
N SER A 209 -11.96 -14.67 1.01
N SER A 209 -12.02 -14.70 0.95
CA SER A 209 -12.57 -13.36 1.07
CA SER A 209 -12.61 -13.38 0.94
C SER A 209 -11.54 -12.26 1.25
C SER A 209 -11.57 -12.29 1.21
N ALA A 210 -11.63 -11.23 0.42
CA ALA A 210 -10.74 -10.10 0.52
C ALA A 210 -11.32 -8.87 -0.16
N ASN A 211 -10.79 -7.72 0.28
CA ASN A 211 -11.07 -6.43 -0.34
C ASN A 211 -9.83 -6.03 -1.16
N VAL A 212 -9.75 -6.47 -2.40
CA VAL A 212 -8.57 -6.22 -3.23
C VAL A 212 -8.85 -4.95 -4.02
N TRP A 213 -8.48 -3.81 -3.43
CA TRP A 213 -8.87 -2.50 -3.90
C TRP A 213 -7.76 -1.72 -4.57
N VAL A 214 -6.56 -2.24 -4.61
CA VAL A 214 -5.45 -1.59 -5.29
C VAL A 214 -4.68 -2.66 -6.05
N TRP A 215 -4.11 -2.30 -7.20
CA TRP A 215 -3.39 -3.21 -8.05
C TRP A 215 -2.15 -2.49 -8.60
N GLN A 216 -0.97 -2.94 -8.28
CA GLN A 216 0.27 -2.43 -8.89
C GLN A 216 0.47 -3.25 -10.17
N TYR A 217 0.11 -2.67 -11.31
CA TYR A 217 0.18 -3.41 -12.55
C TYR A 217 1.50 -3.25 -13.30
N GLY A 218 2.34 -2.32 -12.86
CA GLY A 218 3.63 -2.16 -13.45
C GLY A 218 4.61 -1.51 -12.51
N ARG A 219 5.89 -1.85 -12.62
CA ARG A 219 6.95 -1.24 -11.84
C ARG A 219 7.92 -0.54 -12.76
N ASP A 220 8.46 0.57 -12.27
N ASP A 220 8.47 0.59 -12.31
CA ASP A 220 9.60 1.33 -12.75
CA ASP A 220 9.58 1.20 -13.04
C ASP A 220 9.40 1.78 -14.20
C ASP A 220 9.18 1.69 -14.41
N ALA A 221 8.52 2.75 -14.37
N ALA A 221 8.48 2.83 -14.41
CA ALA A 221 8.10 3.29 -15.64
CA ALA A 221 8.19 3.51 -15.65
C ALA A 221 9.18 3.90 -16.50
C ALA A 221 9.49 4.03 -16.27
N GLU A 222 10.34 4.19 -15.98
N GLU A 222 9.55 3.93 -17.58
CA GLU A 222 11.47 4.75 -16.72
CA GLU A 222 10.53 4.42 -18.52
C GLU A 222 11.26 6.15 -17.28
C GLU A 222 10.85 5.89 -18.29
N VAL A 223 10.11 6.60 -17.78
N VAL A 223 9.82 6.71 -18.16
CA VAL A 223 9.98 8.01 -18.13
CA VAL A 223 10.06 8.16 -18.18
C VAL A 223 9.89 8.88 -16.88
C VAL A 223 10.07 8.86 -16.83
N CYS A 224 9.53 8.31 -15.75
CA CYS A 224 9.48 8.90 -14.44
C CYS A 224 9.72 7.73 -13.44
N PRO A 225 10.41 7.96 -12.36
CA PRO A 225 10.78 6.88 -11.44
C PRO A 225 9.66 6.53 -10.48
N VAL A 226 8.59 5.96 -11.07
CA VAL A 226 7.41 5.56 -10.35
C VAL A 226 6.91 4.21 -10.82
N ASP A 227 6.09 3.59 -10.01
CA ASP A 227 5.28 2.43 -10.38
C ASP A 227 3.87 2.89 -10.68
N THR A 228 3.10 2.09 -11.44
CA THR A 228 1.77 2.43 -11.83
C THR A 228 0.74 1.47 -11.23
N ASN A 229 -0.39 2.08 -10.80
CA ASN A 229 -1.43 1.37 -10.06
C ASN A 229 -2.80 1.72 -10.60
N LEU A 230 -3.75 0.83 -10.34
CA LEU A 230 -5.16 1.04 -10.49
C LEU A 230 -5.85 0.74 -9.17
N ALA A 231 -6.98 1.35 -8.93
CA ALA A 231 -7.74 1.14 -7.68
C ALA A 231 -9.21 1.04 -7.92
N ASP A 232 -9.88 0.34 -7.01
CA ASP A 232 -11.29 0.42 -6.82
C ASP A 232 -11.61 1.76 -6.17
N ARG A 233 -12.68 2.38 -6.65
N ARG A 233 -12.64 2.47 -6.64
CA ARG A 233 -13.18 3.66 -6.14
CA ARG A 233 -12.91 3.84 -6.11
C ARG A 233 -13.27 3.71 -4.61
C ARG A 233 -13.20 3.85 -4.62
N ARG A 234 -13.65 2.60 -3.96
N ARG A 234 -13.60 2.69 -4.11
CA ARG A 234 -13.84 2.59 -2.53
CA ARG A 234 -13.83 2.48 -2.69
C ARG A 234 -12.57 2.98 -1.79
C ARG A 234 -12.60 2.83 -1.87
N LEU A 235 -11.40 2.78 -2.45
CA LEU A 235 -10.15 3.10 -1.77
C LEU A 235 -10.10 4.54 -1.33
N LEU A 236 -10.61 5.44 -2.16
CA LEU A 236 -10.25 6.85 -1.98
C LEU A 236 -10.73 7.45 -0.70
N ASP A 237 -11.88 7.03 -0.20
N ASP A 237 -11.86 7.01 -0.20
CA ASP A 237 -12.40 7.49 1.09
CA ASP A 237 -12.38 7.52 1.08
C ASP A 237 -11.41 7.23 2.21
C ASP A 237 -11.55 7.11 2.26
N PHE A 238 -10.61 6.18 2.07
CA PHE A 238 -9.70 5.75 3.11
C PHE A 238 -8.30 6.27 2.92
N LEU A 239 -8.13 7.22 2.01
CA LEU A 239 -6.86 7.90 1.79
C LEU A 239 -6.96 9.36 2.16
N TYR A 240 -5.86 10.03 2.43
CA TYR A 240 -5.85 11.44 2.86
C TYR A 240 -5.46 12.37 1.71
P PO4 B . 1.59 -20.26 9.43
O1 PO4 B . 1.63 -20.04 10.94
O2 PO4 B . 1.05 -18.98 8.74
O3 PO4 B . 0.64 -21.41 9.11
O4 PO4 B . 2.98 -20.56 8.88
#